data_1UQF
# 
_entry.id   1UQF 
# 
_audit_conform.dict_name       mmcif_pdbx.dic 
_audit_conform.dict_version    5.392 
_audit_conform.dict_location   http://mmcif.pdb.org/dictionaries/ascii/mmcif_pdbx.dic 
# 
loop_
_database_2.database_id 
_database_2.database_code 
_database_2.pdbx_database_accession 
_database_2.pdbx_DOI 
PDB   1UQF         pdb_00001uqf 10.2210/pdb1uqf/pdb 
WWPDB D_1000176972 ?            ?                   
# 
loop_
_pdbx_audit_revision_history.ordinal 
_pdbx_audit_revision_history.data_content_type 
_pdbx_audit_revision_history.major_revision 
_pdbx_audit_revision_history.minor_revision 
_pdbx_audit_revision_history.revision_date 
1 'Structure model' 1 0 1997-01-27 
2 'Structure model' 1 1 2008-03-24 
3 'Structure model' 1 2 2011-07-13 
4 'Structure model' 1 3 2022-03-02 
5 'Structure model' 1 4 2024-05-22 
# 
_pdbx_audit_revision_details.ordinal             1 
_pdbx_audit_revision_details.revision_ordinal    1 
_pdbx_audit_revision_details.data_content_type   'Structure model' 
_pdbx_audit_revision_details.provider            repository 
_pdbx_audit_revision_details.type                'Initial release' 
_pdbx_audit_revision_details.description         ? 
_pdbx_audit_revision_details.details             ? 
# 
loop_
_pdbx_audit_revision_group.ordinal 
_pdbx_audit_revision_group.revision_ordinal 
_pdbx_audit_revision_group.data_content_type 
_pdbx_audit_revision_group.group 
1 2 'Structure model' 'Version format compliance' 
2 3 'Structure model' 'Version format compliance' 
3 4 'Structure model' 'Data collection'           
4 4 'Structure model' 'Database references'       
5 4 'Structure model' 'Derived calculations'      
6 4 'Structure model' Other                       
7 5 'Structure model' 'Data collection'           
# 
loop_
_pdbx_audit_revision_category.ordinal 
_pdbx_audit_revision_category.revision_ordinal 
_pdbx_audit_revision_category.data_content_type 
_pdbx_audit_revision_category.category 
1 4 'Structure model' database_2            
2 4 'Structure model' pdbx_database_status  
3 4 'Structure model' pdbx_nmr_software     
4 4 'Structure model' pdbx_struct_assembly  
5 4 'Structure model' pdbx_struct_oper_list 
6 5 'Structure model' chem_comp_atom        
7 5 'Structure model' chem_comp_bond        
# 
loop_
_pdbx_audit_revision_item.ordinal 
_pdbx_audit_revision_item.revision_ordinal 
_pdbx_audit_revision_item.data_content_type 
_pdbx_audit_revision_item.item 
1 4 'Structure model' '_database_2.pdbx_DOI'                
2 4 'Structure model' '_database_2.pdbx_database_accession' 
3 4 'Structure model' '_pdbx_database_status.process_site'  
4 4 'Structure model' '_pdbx_nmr_software.name'             
# 
_pdbx_database_status.status_code                     REL 
_pdbx_database_status.entry_id                        1UQF 
_pdbx_database_status.recvd_initial_deposition_date   1996-06-26 
_pdbx_database_status.deposit_site                    ? 
_pdbx_database_status.process_site                    BNL 
_pdbx_database_status.status_code_sf                  ? 
_pdbx_database_status.status_code_mr                  REL 
_pdbx_database_status.SG_entry                        ? 
_pdbx_database_status.pdb_format_compatible           Y 
_pdbx_database_status.status_code_cs                  ? 
_pdbx_database_status.status_code_nmr_data            ? 
_pdbx_database_status.methods_development_category    ? 
# 
loop_
_pdbx_database_related.db_name 
_pdbx_database_related.db_id 
_pdbx_database_related.details 
_pdbx_database_related.content_type 
PDB 1BUF 'MINIMIZED AVERAGE STRUCTURE' unspecified 
PDB 1UQA 'MINIMIZED AVERAGE STRUCTURE' unspecified 
PDB 1UQB 'MINIMIZED AVERAGE STRUCTURE' unspecified 
PDB 1UQC 'MINIMIZED AVERAGE STRUCTURE' unspecified 
PDB 1UQD 'MINIMIZED AVERAGE STRUCTURE' unspecified 
PDB 1UQE 'MINIMIZED AVERAGE STRUCTURE' unspecified 
PDB 1UQG 'MINIMIZED AVERAGE STRUCTURE' unspecified 
# 
loop_
_audit_author.name 
_audit_author.pdbx_ordinal 
'Lam, S.L.'        1 
'Au-Yeung, S.C.F.' 2 
# 
_citation.id                        primary 
_citation.title                     
;Sequence-specific local structural variations in solution structures of d(CGXX'CG)2 and d(CAXX'TG)2 self-complementary deoxyribonucleic acids.
;
_citation.journal_abbrev            J.Mol.Biol. 
_citation.journal_volume            266 
_citation.page_first                745 
_citation.page_last                 760 
_citation.year                      1997 
_citation.journal_id_ASTM           JMOBAK 
_citation.country                   UK 
_citation.journal_id_ISSN           0022-2836 
_citation.journal_id_CSD            0070 
_citation.book_publisher            ? 
_citation.pdbx_database_id_PubMed   9102467 
_citation.pdbx_database_id_DOI      10.1006/jmbi.1996.0783 
# 
loop_
_citation_author.citation_id 
_citation_author.name 
_citation_author.ordinal 
_citation_author.identifier_ORCID 
primary 'Lam, S.L.'      1 ? 
primary 'Au-Yeung, S.C.' 2 ? 
# 
_entity.id                         1 
_entity.type                       polymer 
_entity.src_method                 syn 
_entity.pdbx_description           
;DNA (5'-D(*CP*GP*GP*CP*CP*G)-3')
;
_entity.formula_weight             1810.205 
_entity.pdbx_number_of_molecules   2 
_entity.pdbx_ec                    ? 
_entity.pdbx_mutation              ? 
_entity.pdbx_fragment              ? 
_entity.details                    'IN 10 MM SODIUM PHOSPHATE BUFFER AT 10 DEG. CELSIUS, 6.7 MM DOUBLE STRANDED CONCENTRATION' 
# 
_entity_poly.entity_id                      1 
_entity_poly.type                           polydeoxyribonucleotide 
_entity_poly.nstd_linkage                   no 
_entity_poly.nstd_monomer                   no 
_entity_poly.pdbx_seq_one_letter_code       '(DC)(DG)(DG)(DC)(DC)(DG)' 
_entity_poly.pdbx_seq_one_letter_code_can   CGGCCG 
_entity_poly.pdbx_strand_id                 A,B 
_entity_poly.pdbx_target_identifier         ? 
# 
loop_
_entity_poly_seq.entity_id 
_entity_poly_seq.num 
_entity_poly_seq.mon_id 
_entity_poly_seq.hetero 
1 1 DC n 
1 2 DG n 
1 3 DG n 
1 4 DC n 
1 5 DC n 
1 6 DG n 
# 
loop_
_chem_comp.id 
_chem_comp.type 
_chem_comp.mon_nstd_flag 
_chem_comp.name 
_chem_comp.pdbx_synonyms 
_chem_comp.formula 
_chem_comp.formula_weight 
DC 'DNA linking' y "2'-DEOXYCYTIDINE-5'-MONOPHOSPHATE"  ? 'C9 H14 N3 O7 P'  307.197 
DG 'DNA linking' y "2'-DEOXYGUANOSINE-5'-MONOPHOSPHATE" ? 'C10 H14 N5 O7 P' 347.221 
# 
loop_
_pdbx_poly_seq_scheme.asym_id 
_pdbx_poly_seq_scheme.entity_id 
_pdbx_poly_seq_scheme.seq_id 
_pdbx_poly_seq_scheme.mon_id 
_pdbx_poly_seq_scheme.ndb_seq_num 
_pdbx_poly_seq_scheme.pdb_seq_num 
_pdbx_poly_seq_scheme.auth_seq_num 
_pdbx_poly_seq_scheme.pdb_mon_id 
_pdbx_poly_seq_scheme.auth_mon_id 
_pdbx_poly_seq_scheme.pdb_strand_id 
_pdbx_poly_seq_scheme.pdb_ins_code 
_pdbx_poly_seq_scheme.hetero 
A 1 1 DC 1 1  1  DC C A . n 
A 1 2 DG 2 2  2  DG G A . n 
A 1 3 DG 3 3  3  DG G A . n 
A 1 4 DC 4 4  4  DC C A . n 
A 1 5 DC 5 5  5  DC C A . n 
A 1 6 DG 6 6  6  DG G A . n 
B 1 1 DC 1 7  7  DC C B . n 
B 1 2 DG 2 8  8  DG G B . n 
B 1 3 DG 3 9  9  DG G B . n 
B 1 4 DC 4 10 10 DC C B . n 
B 1 5 DC 5 11 11 DC C B . n 
B 1 6 DG 6 12 12 DG G B . n 
# 
_software.name             AMBER 
_software.classification   refinement 
_software.version          . 
_software.citation_id      ? 
_software.pdbx_ordinal     1 
# 
_cell.entry_id           1UQF 
_cell.length_a           1.000 
_cell.length_b           1.000 
_cell.length_c           1.000 
_cell.angle_alpha        90.00 
_cell.angle_beta         90.00 
_cell.angle_gamma        90.00 
_cell.Z_PDB              1 
_cell.pdbx_unique_axis   ? 
# 
_symmetry.entry_id                         1UQF 
_symmetry.space_group_name_H-M             'P 1' 
_symmetry.pdbx_full_space_group_name_H-M   ? 
_symmetry.cell_setting                     ? 
_symmetry.Int_Tables_number                1 
# 
_exptl.entry_id          1UQF 
_exptl.method            'SOLUTION NMR' 
_exptl.crystals_number   ? 
# 
_struct.entry_id                  1UQF 
_struct.title                     
;SELF-COMPLEMENTARY DNA 5'-D(CGGCCG)2, NMR, MINIMIZED AVERAGE STRUCTURE
;
_struct.pdbx_model_details        ? 
_struct.pdbx_CASP_flag            ? 
_struct.pdbx_model_type_details   ? 
# 
_struct_keywords.entry_id        1UQF 
_struct_keywords.pdbx_keywords   DNA 
_struct_keywords.text            'DEOXYRIBONUCLEIC ACID, DNA' 
# 
loop_
_struct_asym.id 
_struct_asym.pdbx_blank_PDB_chainid_flag 
_struct_asym.pdbx_modified 
_struct_asym.entity_id 
_struct_asym.details 
A N N 1 ? 
B N N 1 ? 
# 
_struct_ref.id                         1 
_struct_ref.entity_id                  1 
_struct_ref.db_name                    PDB 
_struct_ref.db_code                    1UQF 
_struct_ref.pdbx_db_accession          1UQF 
_struct_ref.pdbx_db_isoform            ? 
_struct_ref.pdbx_seq_one_letter_code   ? 
_struct_ref.pdbx_align_begin           ? 
# 
loop_
_struct_ref_seq.align_id 
_struct_ref_seq.ref_id 
_struct_ref_seq.pdbx_PDB_id_code 
_struct_ref_seq.pdbx_strand_id 
_struct_ref_seq.seq_align_beg 
_struct_ref_seq.pdbx_seq_align_beg_ins_code 
_struct_ref_seq.seq_align_end 
_struct_ref_seq.pdbx_seq_align_end_ins_code 
_struct_ref_seq.pdbx_db_accession 
_struct_ref_seq.db_align_beg 
_struct_ref_seq.pdbx_db_align_beg_ins_code 
_struct_ref_seq.db_align_end 
_struct_ref_seq.pdbx_db_align_end_ins_code 
_struct_ref_seq.pdbx_auth_seq_align_beg 
_struct_ref_seq.pdbx_auth_seq_align_end 
1 1 1UQF A 1 ? 6 ? 1UQF 1 ? 6  ? 1 6  
2 1 1UQF B 1 ? 6 ? 1UQF 7 ? 12 ? 7 12 
# 
_pdbx_struct_assembly.id                   1 
_pdbx_struct_assembly.details              author_defined_assembly 
_pdbx_struct_assembly.method_details       ? 
_pdbx_struct_assembly.oligomeric_details   dimeric 
_pdbx_struct_assembly.oligomeric_count     2 
# 
_pdbx_struct_assembly_gen.assembly_id       1 
_pdbx_struct_assembly_gen.oper_expression   1 
_pdbx_struct_assembly_gen.asym_id_list      A,B 
# 
_pdbx_struct_oper_list.id                   1 
_pdbx_struct_oper_list.type                 'identity operation' 
_pdbx_struct_oper_list.name                 1_555 
_pdbx_struct_oper_list.symmetry_operation   x,y,z 
_pdbx_struct_oper_list.matrix[1][1]         1.0000000000 
_pdbx_struct_oper_list.matrix[1][2]         0.0000000000 
_pdbx_struct_oper_list.matrix[1][3]         0.0000000000 
_pdbx_struct_oper_list.vector[1]            0.0000000000 
_pdbx_struct_oper_list.matrix[2][1]         0.0000000000 
_pdbx_struct_oper_list.matrix[2][2]         1.0000000000 
_pdbx_struct_oper_list.matrix[2][3]         0.0000000000 
_pdbx_struct_oper_list.vector[2]            0.0000000000 
_pdbx_struct_oper_list.matrix[3][1]         0.0000000000 
_pdbx_struct_oper_list.matrix[3][2]         0.0000000000 
_pdbx_struct_oper_list.matrix[3][3]         1.0000000000 
_pdbx_struct_oper_list.vector[3]            0.0000000000 
# 
_struct_biol.id   1 
# 
loop_
_struct_conn.id 
_struct_conn.conn_type_id 
_struct_conn.pdbx_leaving_atom_flag 
_struct_conn.pdbx_PDB_id 
_struct_conn.ptnr1_label_asym_id 
_struct_conn.ptnr1_label_comp_id 
_struct_conn.ptnr1_label_seq_id 
_struct_conn.ptnr1_label_atom_id 
_struct_conn.pdbx_ptnr1_label_alt_id 
_struct_conn.pdbx_ptnr1_PDB_ins_code 
_struct_conn.pdbx_ptnr1_standard_comp_id 
_struct_conn.ptnr1_symmetry 
_struct_conn.ptnr2_label_asym_id 
_struct_conn.ptnr2_label_comp_id 
_struct_conn.ptnr2_label_seq_id 
_struct_conn.ptnr2_label_atom_id 
_struct_conn.pdbx_ptnr2_label_alt_id 
_struct_conn.pdbx_ptnr2_PDB_ins_code 
_struct_conn.ptnr1_auth_asym_id 
_struct_conn.ptnr1_auth_comp_id 
_struct_conn.ptnr1_auth_seq_id 
_struct_conn.ptnr2_auth_asym_id 
_struct_conn.ptnr2_auth_comp_id 
_struct_conn.ptnr2_auth_seq_id 
_struct_conn.ptnr2_symmetry 
_struct_conn.pdbx_ptnr3_label_atom_id 
_struct_conn.pdbx_ptnr3_label_seq_id 
_struct_conn.pdbx_ptnr3_label_comp_id 
_struct_conn.pdbx_ptnr3_label_asym_id 
_struct_conn.pdbx_ptnr3_label_alt_id 
_struct_conn.pdbx_ptnr3_PDB_ins_code 
_struct_conn.details 
_struct_conn.pdbx_dist_value 
_struct_conn.pdbx_value_order 
_struct_conn.pdbx_role 
hydrog1  hydrog ? ? A DC 1 N3 ? ? ? 1_555 B DG 6 N1 ? ? A DC 1 B DG 12 1_555 ? ? ? ? ? ? WATSON-CRICK ? ? ? 
hydrog2  hydrog ? ? A DC 1 N4 ? ? ? 1_555 B DG 6 O6 ? ? A DC 1 B DG 12 1_555 ? ? ? ? ? ? WATSON-CRICK ? ? ? 
hydrog3  hydrog ? ? A DC 1 O2 ? ? ? 1_555 B DG 6 N2 ? ? A DC 1 B DG 12 1_555 ? ? ? ? ? ? WATSON-CRICK ? ? ? 
hydrog4  hydrog ? ? A DG 2 N1 ? ? ? 1_555 B DC 5 N3 ? ? A DG 2 B DC 11 1_555 ? ? ? ? ? ? WATSON-CRICK ? ? ? 
hydrog5  hydrog ? ? A DG 2 N2 ? ? ? 1_555 B DC 5 O2 ? ? A DG 2 B DC 11 1_555 ? ? ? ? ? ? WATSON-CRICK ? ? ? 
hydrog6  hydrog ? ? A DG 2 O6 ? ? ? 1_555 B DC 5 N4 ? ? A DG 2 B DC 11 1_555 ? ? ? ? ? ? WATSON-CRICK ? ? ? 
hydrog7  hydrog ? ? A DG 3 N1 ? ? ? 1_555 B DC 4 N3 ? ? A DG 3 B DC 10 1_555 ? ? ? ? ? ? WATSON-CRICK ? ? ? 
hydrog8  hydrog ? ? A DG 3 N2 ? ? ? 1_555 B DC 4 O2 ? ? A DG 3 B DC 10 1_555 ? ? ? ? ? ? WATSON-CRICK ? ? ? 
hydrog9  hydrog ? ? A DG 3 O6 ? ? ? 1_555 B DC 4 N4 ? ? A DG 3 B DC 10 1_555 ? ? ? ? ? ? WATSON-CRICK ? ? ? 
hydrog10 hydrog ? ? A DC 4 N3 ? ? ? 1_555 B DG 3 N1 ? ? A DC 4 B DG 9  1_555 ? ? ? ? ? ? WATSON-CRICK ? ? ? 
hydrog11 hydrog ? ? A DC 4 N4 ? ? ? 1_555 B DG 3 O6 ? ? A DC 4 B DG 9  1_555 ? ? ? ? ? ? WATSON-CRICK ? ? ? 
hydrog12 hydrog ? ? A DC 4 O2 ? ? ? 1_555 B DG 3 N2 ? ? A DC 4 B DG 9  1_555 ? ? ? ? ? ? WATSON-CRICK ? ? ? 
hydrog13 hydrog ? ? A DC 5 N3 ? ? ? 1_555 B DG 2 N1 ? ? A DC 5 B DG 8  1_555 ? ? ? ? ? ? WATSON-CRICK ? ? ? 
hydrog14 hydrog ? ? A DC 5 N4 ? ? ? 1_555 B DG 2 O6 ? ? A DC 5 B DG 8  1_555 ? ? ? ? ? ? WATSON-CRICK ? ? ? 
hydrog15 hydrog ? ? A DC 5 O2 ? ? ? 1_555 B DG 2 N2 ? ? A DC 5 B DG 8  1_555 ? ? ? ? ? ? WATSON-CRICK ? ? ? 
hydrog16 hydrog ? ? A DG 6 N1 ? ? ? 1_555 B DC 1 N3 ? ? A DG 6 B DC 7  1_555 ? ? ? ? ? ? WATSON-CRICK ? ? ? 
hydrog17 hydrog ? ? A DG 6 N2 ? ? ? 1_555 B DC 1 O2 ? ? A DG 6 B DC 7  1_555 ? ? ? ? ? ? WATSON-CRICK ? ? ? 
hydrog18 hydrog ? ? A DG 6 O6 ? ? ? 1_555 B DC 1 N4 ? ? A DG 6 B DC 7  1_555 ? ? ? ? ? ? WATSON-CRICK ? ? ? 
# 
_struct_conn_type.id          hydrog 
_struct_conn_type.criteria    ? 
_struct_conn_type.reference   ? 
# 
loop_
_pdbx_validate_rmsd_angle.id 
_pdbx_validate_rmsd_angle.PDB_model_num 
_pdbx_validate_rmsd_angle.auth_atom_id_1 
_pdbx_validate_rmsd_angle.auth_asym_id_1 
_pdbx_validate_rmsd_angle.auth_comp_id_1 
_pdbx_validate_rmsd_angle.auth_seq_id_1 
_pdbx_validate_rmsd_angle.PDB_ins_code_1 
_pdbx_validate_rmsd_angle.label_alt_id_1 
_pdbx_validate_rmsd_angle.auth_atom_id_2 
_pdbx_validate_rmsd_angle.auth_asym_id_2 
_pdbx_validate_rmsd_angle.auth_comp_id_2 
_pdbx_validate_rmsd_angle.auth_seq_id_2 
_pdbx_validate_rmsd_angle.PDB_ins_code_2 
_pdbx_validate_rmsd_angle.label_alt_id_2 
_pdbx_validate_rmsd_angle.auth_atom_id_3 
_pdbx_validate_rmsd_angle.auth_asym_id_3 
_pdbx_validate_rmsd_angle.auth_comp_id_3 
_pdbx_validate_rmsd_angle.auth_seq_id_3 
_pdbx_validate_rmsd_angle.PDB_ins_code_3 
_pdbx_validate_rmsd_angle.label_alt_id_3 
_pdbx_validate_rmsd_angle.angle_value 
_pdbx_validate_rmsd_angle.angle_target_value 
_pdbx_validate_rmsd_angle.angle_deviation 
_pdbx_validate_rmsd_angle.angle_standard_deviation 
_pdbx_validate_rmsd_angle.linker_flag 
1  1 "O4'" A DC 1  ? ? "C1'" A DC 1  ? ? N1    A DC 1  ? ? 112.11 108.30 3.81 0.30 N 
2  1 "O4'" A DG 2  ? ? "C1'" A DG 2  ? ? N9    A DG 2  ? ? 116.55 108.30 8.25 0.30 N 
3  1 "O4'" A DC 4  ? ? "C4'" A DC 4  ? ? "C3'" A DC 4  ? ? 111.59 106.00 5.59 0.60 N 
4  1 "C5'" A DC 4  ? ? "C4'" A DC 4  ? ? "O4'" A DC 4  ? ? 117.92 109.80 8.12 1.10 N 
5  1 "O4'" A DC 4  ? ? "C1'" A DC 4  ? ? N1    A DC 4  ? ? 110.65 108.30 2.35 0.30 N 
6  1 "O4'" A DC 5  ? ? "C4'" A DC 5  ? ? "C3'" A DC 5  ? ? 114.45 106.00 8.45 0.60 N 
7  1 "C5'" A DC 5  ? ? "C4'" A DC 5  ? ? "C3'" A DC 5  ? ? 122.91 115.70 7.21 1.20 N 
8  1 "C5'" A DC 5  ? ? "C4'" A DC 5  ? ? "O4'" A DC 5  ? ? 117.86 109.80 8.06 1.10 N 
9  1 "O4'" A DC 5  ? ? "C1'" A DC 5  ? ? N1    A DC 5  ? ? 113.09 108.30 4.79 0.30 N 
10 1 "O4'" B DC 7  ? ? "C1'" B DC 7  ? ? N1    B DC 7  ? ? 111.76 108.30 3.46 0.30 N 
11 1 "O4'" B DG 8  ? ? "C1'" B DG 8  ? ? N9    B DG 8  ? ? 116.53 108.30 8.23 0.30 N 
12 1 "O4'" B DC 10 ? ? "C4'" B DC 10 ? ? "C3'" B DC 10 ? ? 111.54 106.00 5.54 0.60 N 
13 1 "C5'" B DC 10 ? ? "C4'" B DC 10 ? ? "O4'" B DC 10 ? ? 117.92 109.80 8.12 1.10 N 
14 1 "O4'" B DC 10 ? ? "C1'" B DC 10 ? ? N1    B DC 10 ? ? 110.65 108.30 2.35 0.30 N 
15 1 "O4'" B DC 11 ? ? "C4'" B DC 11 ? ? "C3'" B DC 11 ? ? 114.50 106.00 8.50 0.60 N 
16 1 "C5'" B DC 11 ? ? "C4'" B DC 11 ? ? "C3'" B DC 11 ? ? 122.97 115.70 7.27 1.20 N 
17 1 "C5'" B DC 11 ? ? "C4'" B DC 11 ? ? "O4'" B DC 11 ? ? 117.80 109.80 8.00 1.10 N 
18 1 "O4'" B DC 11 ? ? "C1'" B DC 11 ? ? N1    B DC 11 ? ? 113.06 108.30 4.76 0.30 N 
# 
_pdbx_nmr_ensemble.entry_id                             1UQF 
_pdbx_nmr_ensemble.conformers_calculated_total_number   ? 
_pdbx_nmr_ensemble.conformers_submitted_total_number    1 
_pdbx_nmr_ensemble.conformer_selection_criteria         ? 
# 
_pdbx_nmr_exptl_sample_conditions.conditions_id       1 
_pdbx_nmr_exptl_sample_conditions.temperature         283 
_pdbx_nmr_exptl_sample_conditions.pressure            ? 
_pdbx_nmr_exptl_sample_conditions.pH                  ? 
_pdbx_nmr_exptl_sample_conditions.ionic_strength      ? 
_pdbx_nmr_exptl_sample_conditions.pressure_units      . 
_pdbx_nmr_exptl_sample_conditions.temperature_units   K 
# 
_pdbx_nmr_details.entry_id   1UQF 
_pdbx_nmr_details.text       'IN 10 MM SODIUM PHOSPHATE BUFFER AT 10 DEGREES CELSIUS, 6.7 MM DOUBLE STRANDED CONCENTRATION' 
# 
_pdbx_nmr_software.classification   refinement 
_pdbx_nmr_software.name             Amber 
_pdbx_nmr_software.version          4.0 
_pdbx_nmr_software.authors          'PEARLMAN,CASE,CALDWELL,SEIBEL,SINGH,WEINER, KOLLMAN' 
_pdbx_nmr_software.ordinal          1 
# 
loop_
_chem_comp_atom.comp_id 
_chem_comp_atom.atom_id 
_chem_comp_atom.type_symbol 
_chem_comp_atom.pdbx_aromatic_flag 
_chem_comp_atom.pdbx_stereo_config 
_chem_comp_atom.pdbx_ordinal 
DC OP3    O N N 1  
DC P      P N N 2  
DC OP1    O N N 3  
DC OP2    O N N 4  
DC "O5'"  O N N 5  
DC "C5'"  C N N 6  
DC "C4'"  C N R 7  
DC "O4'"  O N N 8  
DC "C3'"  C N S 9  
DC "O3'"  O N N 10 
DC "C2'"  C N N 11 
DC "C1'"  C N R 12 
DC N1     N N N 13 
DC C2     C N N 14 
DC O2     O N N 15 
DC N3     N N N 16 
DC C4     C N N 17 
DC N4     N N N 18 
DC C5     C N N 19 
DC C6     C N N 20 
DC HOP3   H N N 21 
DC HOP2   H N N 22 
DC "H5'"  H N N 23 
DC "H5''" H N N 24 
DC "H4'"  H N N 25 
DC "H3'"  H N N 26 
DC "HO3'" H N N 27 
DC "H2'"  H N N 28 
DC "H2''" H N N 29 
DC "H1'"  H N N 30 
DC H41    H N N 31 
DC H42    H N N 32 
DC H5     H N N 33 
DC H6     H N N 34 
DG OP3    O N N 35 
DG P      P N N 36 
DG OP1    O N N 37 
DG OP2    O N N 38 
DG "O5'"  O N N 39 
DG "C5'"  C N N 40 
DG "C4'"  C N R 41 
DG "O4'"  O N N 42 
DG "C3'"  C N S 43 
DG "O3'"  O N N 44 
DG "C2'"  C N N 45 
DG "C1'"  C N R 46 
DG N9     N Y N 47 
DG C8     C Y N 48 
DG N7     N Y N 49 
DG C5     C Y N 50 
DG C6     C N N 51 
DG O6     O N N 52 
DG N1     N N N 53 
DG C2     C N N 54 
DG N2     N N N 55 
DG N3     N N N 56 
DG C4     C Y N 57 
DG HOP3   H N N 58 
DG HOP2   H N N 59 
DG "H5'"  H N N 60 
DG "H5''" H N N 61 
DG "H4'"  H N N 62 
DG "H3'"  H N N 63 
DG "HO3'" H N N 64 
DG "H2'"  H N N 65 
DG "H2''" H N N 66 
DG "H1'"  H N N 67 
DG H8     H N N 68 
DG H1     H N N 69 
DG H21    H N N 70 
DG H22    H N N 71 
# 
loop_
_chem_comp_bond.comp_id 
_chem_comp_bond.atom_id_1 
_chem_comp_bond.atom_id_2 
_chem_comp_bond.value_order 
_chem_comp_bond.pdbx_aromatic_flag 
_chem_comp_bond.pdbx_stereo_config 
_chem_comp_bond.pdbx_ordinal 
DC OP3   P      sing N N 1  
DC OP3   HOP3   sing N N 2  
DC P     OP1    doub N N 3  
DC P     OP2    sing N N 4  
DC P     "O5'"  sing N N 5  
DC OP2   HOP2   sing N N 6  
DC "O5'" "C5'"  sing N N 7  
DC "C5'" "C4'"  sing N N 8  
DC "C5'" "H5'"  sing N N 9  
DC "C5'" "H5''" sing N N 10 
DC "C4'" "O4'"  sing N N 11 
DC "C4'" "C3'"  sing N N 12 
DC "C4'" "H4'"  sing N N 13 
DC "O4'" "C1'"  sing N N 14 
DC "C3'" "O3'"  sing N N 15 
DC "C3'" "C2'"  sing N N 16 
DC "C3'" "H3'"  sing N N 17 
DC "O3'" "HO3'" sing N N 18 
DC "C2'" "C1'"  sing N N 19 
DC "C2'" "H2'"  sing N N 20 
DC "C2'" "H2''" sing N N 21 
DC "C1'" N1     sing N N 22 
DC "C1'" "H1'"  sing N N 23 
DC N1    C2     sing N N 24 
DC N1    C6     sing N N 25 
DC C2    O2     doub N N 26 
DC C2    N3     sing N N 27 
DC N3    C4     doub N N 28 
DC C4    N4     sing N N 29 
DC C4    C5     sing N N 30 
DC N4    H41    sing N N 31 
DC N4    H42    sing N N 32 
DC C5    C6     doub N N 33 
DC C5    H5     sing N N 34 
DC C6    H6     sing N N 35 
DG OP3   P      sing N N 36 
DG OP3   HOP3   sing N N 37 
DG P     OP1    doub N N 38 
DG P     OP2    sing N N 39 
DG P     "O5'"  sing N N 40 
DG OP2   HOP2   sing N N 41 
DG "O5'" "C5'"  sing N N 42 
DG "C5'" "C4'"  sing N N 43 
DG "C5'" "H5'"  sing N N 44 
DG "C5'" "H5''" sing N N 45 
DG "C4'" "O4'"  sing N N 46 
DG "C4'" "C3'"  sing N N 47 
DG "C4'" "H4'"  sing N N 48 
DG "O4'" "C1'"  sing N N 49 
DG "C3'" "O3'"  sing N N 50 
DG "C3'" "C2'"  sing N N 51 
DG "C3'" "H3'"  sing N N 52 
DG "O3'" "HO3'" sing N N 53 
DG "C2'" "C1'"  sing N N 54 
DG "C2'" "H2'"  sing N N 55 
DG "C2'" "H2''" sing N N 56 
DG "C1'" N9     sing N N 57 
DG "C1'" "H1'"  sing N N 58 
DG N9    C8     sing Y N 59 
DG N9    C4     sing Y N 60 
DG C8    N7     doub Y N 61 
DG C8    H8     sing N N 62 
DG N7    C5     sing Y N 63 
DG C5    C6     sing N N 64 
DG C5    C4     doub Y N 65 
DG C6    O6     doub N N 66 
DG C6    N1     sing N N 67 
DG N1    C2     sing N N 68 
DG N1    H1     sing N N 69 
DG C2    N2     sing N N 70 
DG C2    N3     doub N N 71 
DG N2    H21    sing N N 72 
DG N2    H22    sing N N 73 
DG N3    C4     sing N N 74 
# 
loop_
_ndb_struct_conf_na.entry_id 
_ndb_struct_conf_na.feature 
1UQF 'double helix'        
1UQF 'b-form double helix' 
# 
loop_
_ndb_struct_na_base_pair.model_number 
_ndb_struct_na_base_pair.i_label_asym_id 
_ndb_struct_na_base_pair.i_label_comp_id 
_ndb_struct_na_base_pair.i_label_seq_id 
_ndb_struct_na_base_pair.i_symmetry 
_ndb_struct_na_base_pair.j_label_asym_id 
_ndb_struct_na_base_pair.j_label_comp_id 
_ndb_struct_na_base_pair.j_label_seq_id 
_ndb_struct_na_base_pair.j_symmetry 
_ndb_struct_na_base_pair.shear 
_ndb_struct_na_base_pair.stretch 
_ndb_struct_na_base_pair.stagger 
_ndb_struct_na_base_pair.buckle 
_ndb_struct_na_base_pair.propeller 
_ndb_struct_na_base_pair.opening 
_ndb_struct_na_base_pair.pair_number 
_ndb_struct_na_base_pair.pair_name 
_ndb_struct_na_base_pair.i_auth_asym_id 
_ndb_struct_na_base_pair.i_auth_seq_id 
_ndb_struct_na_base_pair.i_PDB_ins_code 
_ndb_struct_na_base_pair.j_auth_asym_id 
_ndb_struct_na_base_pair.j_auth_seq_id 
_ndb_struct_na_base_pair.j_PDB_ins_code 
_ndb_struct_na_base_pair.hbond_type_28 
_ndb_struct_na_base_pair.hbond_type_12 
1 A DC 1 1_555 B DG 6 1_555 0.460  -0.233 0.263  -9.897  4.542   -2.051 1 A_DC1:DG12_B A 1 ? B 12 ? 19 1 
1 A DG 2 1_555 B DC 5 1_555 -0.308 -0.192 -0.114 0.996   -23.539 2.550  2 A_DG2:DC11_B A 2 ? B 11 ? 19 1 
1 A DG 3 1_555 B DC 4 1_555 -0.268 -0.184 0.349  10.321  -5.987  -2.172 3 A_DG3:DC10_B A 3 ? B 10 ? 19 1 
1 A DC 4 1_555 B DG 3 1_555 0.269  -0.183 0.351  -10.407 -5.999  -2.174 4 A_DC4:DG9_B  A 4 ? B 9  ? 19 1 
1 A DC 5 1_555 B DG 2 1_555 0.307  -0.192 -0.114 -1.105  -23.481 2.538  5 A_DC5:DG8_B  A 5 ? B 8  ? 19 1 
1 A DG 6 1_555 B DC 1 1_555 -0.462 -0.233 0.262  9.899   4.633   -2.037 6 A_DG6:DC7_B  A 6 ? B 7  ? 19 1 
# 
loop_
_ndb_struct_na_base_pair_step.model_number 
_ndb_struct_na_base_pair_step.i_label_asym_id_1 
_ndb_struct_na_base_pair_step.i_label_comp_id_1 
_ndb_struct_na_base_pair_step.i_label_seq_id_1 
_ndb_struct_na_base_pair_step.i_symmetry_1 
_ndb_struct_na_base_pair_step.j_label_asym_id_1 
_ndb_struct_na_base_pair_step.j_label_comp_id_1 
_ndb_struct_na_base_pair_step.j_label_seq_id_1 
_ndb_struct_na_base_pair_step.j_symmetry_1 
_ndb_struct_na_base_pair_step.i_label_asym_id_2 
_ndb_struct_na_base_pair_step.i_label_comp_id_2 
_ndb_struct_na_base_pair_step.i_label_seq_id_2 
_ndb_struct_na_base_pair_step.i_symmetry_2 
_ndb_struct_na_base_pair_step.j_label_asym_id_2 
_ndb_struct_na_base_pair_step.j_label_comp_id_2 
_ndb_struct_na_base_pair_step.j_label_seq_id_2 
_ndb_struct_na_base_pair_step.j_symmetry_2 
_ndb_struct_na_base_pair_step.shift 
_ndb_struct_na_base_pair_step.slide 
_ndb_struct_na_base_pair_step.rise 
_ndb_struct_na_base_pair_step.tilt 
_ndb_struct_na_base_pair_step.roll 
_ndb_struct_na_base_pair_step.twist 
_ndb_struct_na_base_pair_step.x_displacement 
_ndb_struct_na_base_pair_step.y_displacement 
_ndb_struct_na_base_pair_step.helical_rise 
_ndb_struct_na_base_pair_step.inclination 
_ndb_struct_na_base_pair_step.tip 
_ndb_struct_na_base_pair_step.helical_twist 
_ndb_struct_na_base_pair_step.step_number 
_ndb_struct_na_base_pair_step.step_name 
_ndb_struct_na_base_pair_step.i_auth_asym_id_1 
_ndb_struct_na_base_pair_step.i_auth_seq_id_1 
_ndb_struct_na_base_pair_step.i_PDB_ins_code_1 
_ndb_struct_na_base_pair_step.j_auth_asym_id_1 
_ndb_struct_na_base_pair_step.j_auth_seq_id_1 
_ndb_struct_na_base_pair_step.j_PDB_ins_code_1 
_ndb_struct_na_base_pair_step.i_auth_asym_id_2 
_ndb_struct_na_base_pair_step.i_auth_seq_id_2 
_ndb_struct_na_base_pair_step.i_PDB_ins_code_2 
_ndb_struct_na_base_pair_step.j_auth_asym_id_2 
_ndb_struct_na_base_pair_step.j_auth_seq_id_2 
_ndb_struct_na_base_pair_step.j_PDB_ins_code_2 
1 A DC 1 1_555 B DG 6 1_555 A DG 2 1_555 B DC 5 1_555 0.340  -0.552 2.855 3.737  14.455 29.391 -3.061 -0.061 2.359 26.448 -6.837  
32.892 1 AA_DC1DG2:DC11DG12_BB A 1 ? B 12 ? A 2 ? B 11 ? 
1 A DG 2 1_555 B DC 5 1_555 A DG 3 1_555 B DC 4 1_555 -0.996 -0.705 2.790 -9.093 1.810  37.666 -1.258 0.517  2.908 2.753  13.829  
38.751 2 AA_DG2DG3:DC10DC11_BB A 2 ? B 11 ? A 3 ? B 10 ? 
1 A DG 3 1_555 B DC 4 1_555 A DC 4 1_555 B DG 3 1_555 0.000  -0.954 3.578 -0.006 0.054  40.669 -1.379 -0.001 3.576 0.077  0.009   
40.669 3 AA_DG3DC4:DG9DC10_BB  A 3 ? B 10 ? A 4 ? B 9  ? 
1 A DC 4 1_555 B DG 3 1_555 A DC 5 1_555 B DG 2 1_555 0.992  -0.704 2.790 9.104  1.814  37.669 -1.258 -0.510 2.908 2.759  -13.844 
38.755 4 AA_DC4DC5:DG8DG9_BB   A 4 ? B 9  ? A 5 ? B 8  ? 
1 A DC 5 1_555 B DG 2 1_555 A DG 6 1_555 B DC 1 1_555 -0.340 -0.549 2.854 -3.755 14.431 29.305 -3.066 0.058  2.359 26.473 6.888   
32.807 5 AA_DC5DG6:DC7DG8_BB   A 5 ? B 8  ? A 6 ? B 7  ? 
# 
_atom_sites.entry_id                    1UQF 
_atom_sites.fract_transf_matrix[1][1]   1.000000 
_atom_sites.fract_transf_matrix[1][2]   0.000000 
_atom_sites.fract_transf_matrix[1][3]   0.000000 
_atom_sites.fract_transf_matrix[2][1]   0.000000 
_atom_sites.fract_transf_matrix[2][2]   1.000000 
_atom_sites.fract_transf_matrix[2][3]   0.000000 
_atom_sites.fract_transf_matrix[3][1]   0.000000 
_atom_sites.fract_transf_matrix[3][2]   0.000000 
_atom_sites.fract_transf_matrix[3][3]   1.000000 
_atom_sites.fract_transf_vector[1]      0.00000 
_atom_sites.fract_transf_vector[2]      0.00000 
_atom_sites.fract_transf_vector[3]      0.00000 
# 
loop_
_atom_type.symbol 
C 
H 
N 
O 
P 
# 
loop_
_atom_site.group_PDB 
_atom_site.id 
_atom_site.type_symbol 
_atom_site.label_atom_id 
_atom_site.label_alt_id 
_atom_site.label_comp_id 
_atom_site.label_asym_id 
_atom_site.label_entity_id 
_atom_site.label_seq_id 
_atom_site.pdbx_PDB_ins_code 
_atom_site.Cartn_x 
_atom_site.Cartn_y 
_atom_site.Cartn_z 
_atom_site.occupancy 
_atom_site.B_iso_or_equiv 
_atom_site.pdbx_formal_charge 
_atom_site.auth_seq_id 
_atom_site.auth_comp_id 
_atom_site.auth_asym_id 
_atom_site.auth_atom_id 
_atom_site.pdbx_PDB_model_num 
ATOM 1   O "O5'"  . DC A 1 1 ? -10.355 1.230   -5.578 1.00 0.00 ? 1  DC A "O5'"  1 
ATOM 2   C "C5'"  . DC A 1 1 ? -11.283 0.297   -6.091 1.00 0.00 ? 1  DC A "C5'"  1 
ATOM 3   C "C4'"  . DC A 1 1 ? -10.886 -1.152  -5.771 1.00 0.00 ? 1  DC A "C4'"  1 
ATOM 4   O "O4'"  . DC A 1 1 ? -9.747  -1.563  -6.508 1.00 0.00 ? 1  DC A "O4'"  1 
ATOM 5   C "C3'"  . DC A 1 1 ? -10.628 -1.419  -4.300 1.00 0.00 ? 1  DC A "C3'"  1 
ATOM 6   O "O3'"  . DC A 1 1 ? -11.235 -2.630  -3.890 1.00 0.00 ? 1  DC A "O3'"  1 
ATOM 7   C "C2'"  . DC A 1 1 ? -9.096  -1.557  -4.219 1.00 0.00 ? 1  DC A "C2'"  1 
ATOM 8   C "C1'"  . DC A 1 1 ? -8.771  -2.128  -5.639 1.00 0.00 ? 1  DC A "C1'"  1 
ATOM 9   N N1     . DC A 1 1 ? -7.402  -1.715  -5.999 1.00 0.00 ? 1  DC A N1     1 
ATOM 10  C C2     . DC A 1 1 ? -6.312  -2.556  -5.805 1.00 0.00 ? 1  DC A C2     1 
ATOM 11  O O2     . DC A 1 1 ? -6.447  -3.683  -5.333 1.00 0.00 ? 1  DC A O2     1 
ATOM 12  N N3     . DC A 1 1 ? -5.070  -2.114  -6.161 1.00 0.00 ? 1  DC A N3     1 
ATOM 13  C C4     . DC A 1 1 ? -4.913  -0.865  -6.624 1.00 0.00 ? 1  DC A C4     1 
ATOM 14  N N4     . DC A 1 1 ? -3.698  -0.471  -6.981 1.00 0.00 ? 1  DC A N4     1 
ATOM 15  C C5     . DC A 1 1 ? -6.021  0.024   -6.805 1.00 0.00 ? 1  DC A C5     1 
ATOM 16  C C6     . DC A 1 1 ? -7.236  -0.465  -6.474 1.00 0.00 ? 1  DC A C6     1 
ATOM 17  H "H5'"  . DC A 1 1 ? -11.367 0.425   -7.171 1.00 0.00 ? 1  DC A "H5'"  1 
ATOM 18  H "H5''" . DC A 1 1 ? -12.256 0.503   -5.641 1.00 0.00 ? 1  DC A "H5''" 1 
ATOM 19  H "H4'"  . DC A 1 1 ? -11.740 -1.779  -5.999 1.00 0.00 ? 1  DC A "H4'"  1 
ATOM 20  H "H3'"  . DC A 1 1 ? -11.107 -0.562  -3.812 1.00 0.00 ? 1  DC A "H3'"  1 
ATOM 21  H "H2'"  . DC A 1 1 ? -8.545  -0.616  -3.951 1.00 0.00 ? 1  DC A "H2'"  1 
ATOM 22  H "H2''" . DC A 1 1 ? -8.857  -2.293  -3.441 1.00 0.00 ? 1  DC A "H2''" 1 
ATOM 23  H "H1'"  . DC A 1 1 ? -8.847  -3.178  -5.932 1.00 0.00 ? 1  DC A "H1'"  1 
ATOM 24  H H41    . DC A 1 1 ? -2.932  -1.120  -6.857 1.00 0.00 ? 1  DC A H41    1 
ATOM 25  H H42    . DC A 1 1 ? -3.532  0.466   -7.305 1.00 0.00 ? 1  DC A H42    1 
ATOM 26  H H5     . DC A 1 1 ? -5.933  1.033   -7.180 1.00 0.00 ? 1  DC A H5     1 
ATOM 27  H H6     . DC A 1 1 ? -8.165  0.059   -6.547 1.00 0.00 ? 1  DC A H6     1 
ATOM 28  H "HO5'" . DC A 1 1 ? -9.592  1.255   -6.157 1.00 0.00 ? 1  DC A "HO5'" 1 
ATOM 29  P P      . DG A 1 2 ? -11.659 -2.880  -2.364 1.00 0.00 ? 2  DG A P      1 
ATOM 30  O OP1    . DG A 1 2 ? -12.830 -3.784  -2.330 1.00 0.00 ? 2  DG A OP1    1 
ATOM 31  O OP2    . DG A 1 2 ? -11.938 -1.585  -1.705 1.00 0.00 ? 2  DG A OP2    1 
ATOM 32  O "O5'"  . DG A 1 2 ? -10.441 -3.599  -1.612 1.00 0.00 ? 2  DG A "O5'"  1 
ATOM 33  C "C5'"  . DG A 1 2 ? -10.162 -4.962  -1.864 1.00 0.00 ? 2  DG A "C5'"  1 
ATOM 34  C "C4'"  . DG A 1 2 ? -8.743  -5.385  -1.469 1.00 0.00 ? 2  DG A "C4'"  1 
ATOM 35  O "O4'"  . DG A 1 2 ? -7.713  -4.837  -2.287 1.00 0.00 ? 2  DG A "O4'"  1 
ATOM 36  C "C3'"  . DG A 1 2 ? -8.382  -5.062  -0.015 1.00 0.00 ? 2  DG A "C3'"  1 
ATOM 37  O "O3'"  . DG A 1 2 ? -7.598  -6.133  0.481  1.00 0.00 ? 2  DG A "O3'"  1 
ATOM 38  C "C2'"  . DG A 1 2 ? -7.516  -3.820  -0.150 1.00 0.00 ? 2  DG A "C2'"  1 
ATOM 39  C "C1'"  . DG A 1 2 ? -6.799  -4.126  -1.460 1.00 0.00 ? 2  DG A "C1'"  1 
ATOM 40  N N9     . DG A 1 2 ? -6.063  -3.008  -2.097 1.00 0.00 ? 2  DG A N9     1 
ATOM 41  C C8     . DG A 1 2 ? -6.429  -1.701  -2.288 1.00 0.00 ? 2  DG A C8     1 
ATOM 42  N N7     . DG A 1 2 ? -5.525  -0.970  -2.881 1.00 0.00 ? 2  DG A N7     1 
ATOM 43  C C5     . DG A 1 2 ? -4.442  -1.836  -3.030 1.00 0.00 ? 2  DG A C5     1 
ATOM 44  C C6     . DG A 1 2 ? -3.125  -1.617  -3.545 1.00 0.00 ? 2  DG A C6     1 
ATOM 45  O O6     . DG A 1 2 ? -2.658  -0.608  -4.075 1.00 0.00 ? 2  DG A O6     1 
ATOM 46  N N1     . DG A 1 2 ? -2.303  -2.724  -3.391 1.00 0.00 ? 2  DG A N1     1 
ATOM 47  C C2     . DG A 1 2 ? -2.714  -3.930  -2.884 1.00 0.00 ? 2  DG A C2     1 
ATOM 48  N N2     . DG A 1 2 ? -1.826  -4.910  -2.773 1.00 0.00 ? 2  DG A N2     1 
ATOM 49  N N3     . DG A 1 2 ? -3.955  -4.168  -2.462 1.00 0.00 ? 2  DG A N3     1 
ATOM 50  C C4     . DG A 1 2 ? -4.762  -3.078  -2.538 1.00 0.00 ? 2  DG A C4     1 
ATOM 51  H "H5'"  . DG A 1 2 ? -10.274 -5.170  -2.930 1.00 0.00 ? 2  DG A "H5'"  1 
ATOM 52  H "H5''" . DG A 1 2 ? -10.883 -5.572  -1.318 1.00 0.00 ? 2  DG A "H5''" 1 
ATOM 53  H "H4'"  . DG A 1 2 ? -8.715  -6.469  -1.599 1.00 0.00 ? 2  DG A "H4'"  1 
ATOM 54  H "H3'"  . DG A 1 2 ? -9.272  -4.899  0.595  1.00 0.00 ? 2  DG A "H3'"  1 
ATOM 55  H "H2'"  . DG A 1 2 ? -8.162  -2.950  -0.272 1.00 0.00 ? 2  DG A "H2'"  1 
ATOM 56  H "H2''" . DG A 1 2 ? -6.843  -3.674  0.692  1.00 0.00 ? 2  DG A "H2''" 1 
ATOM 57  H "H1'"  . DG A 1 2 ? -6.048  -4.867  -1.183 1.00 0.00 ? 2  DG A "H1'"  1 
ATOM 58  H H8     . DG A 1 2 ? -7.389  -1.310  -1.987 1.00 0.00 ? 2  DG A H8     1 
ATOM 59  H H1     . DG A 1 2 ? -1.334  -2.595  -3.679 1.00 0.00 ? 2  DG A H1     1 
ATOM 60  H H21    . DG A 1 2 ? -0.844  -4.740  -2.944 1.00 0.00 ? 2  DG A H21    1 
ATOM 61  H H22    . DG A 1 2 ? -2.131  -5.794  -2.398 1.00 0.00 ? 2  DG A H22    1 
ATOM 62  P P      . DG A 1 3 ? -7.399  -6.416  2.043  1.00 0.00 ? 3  DG A P      1 
ATOM 63  O OP1    . DG A 1 3 ? -8.103  -7.657  2.433  1.00 0.00 ? 3  DG A OP1    1 
ATOM 64  O OP2    . DG A 1 3 ? -7.830  -5.244  2.833  1.00 0.00 ? 3  DG A OP2    1 
ATOM 65  O "O5'"  . DG A 1 3 ? -5.823  -6.611  2.222  1.00 0.00 ? 3  DG A "O5'"  1 
ATOM 66  C "C5'"  . DG A 1 3 ? -5.179  -7.795  1.786  1.00 0.00 ? 3  DG A "C5'"  1 
ATOM 67  C "C4'"  . DG A 1 3 ? -3.667  -7.692  2.011  1.00 0.00 ? 3  DG A "C4'"  1 
ATOM 68  O "O4'"  . DG A 1 3 ? -3.155  -6.668  1.179  1.00 0.00 ? 3  DG A "O4'"  1 
ATOM 69  C "C3'"  . DG A 1 3 ? -3.286  -7.373  3.446  1.00 0.00 ? 3  DG A "C3'"  1 
ATOM 70  O "O3'"  . DG A 1 3 ? -2.176  -8.168  3.823  1.00 0.00 ? 3  DG A "O3'"  1 
ATOM 71  C "C2'"  . DG A 1 3 ? -2.988  -5.897  3.366  1.00 0.00 ? 3  DG A "C2'"  1 
ATOM 72  C "C1'"  . DG A 1 3 ? -2.429  -5.750  1.969  1.00 0.00 ? 3  DG A "C1'"  1 
ATOM 73  N N9     . DG A 1 3 ? -2.624  -4.408  1.329  1.00 0.00 ? 3  DG A N9     1 
ATOM 74  C C8     . DG A 1 3 ? -3.757  -3.608  1.170  1.00 0.00 ? 3  DG A C8     1 
ATOM 75  N N7     . DG A 1 3 ? -3.532  -2.512  0.499  1.00 0.00 ? 3  DG A N7     1 
ATOM 76  C C5     . DG A 1 3 ? -2.191  -2.591  0.149  1.00 0.00 ? 3  DG A C5     1 
ATOM 77  C C6     . DG A 1 3 ? -1.366  -1.673  -0.567 1.00 0.00 ? 3  DG A C6     1 
ATOM 78  O O6     . DG A 1 3 ? -1.694  -0.599  -1.061 1.00 0.00 ? 3  DG A O6     1 
ATOM 79  N N1     . DG A 1 3 ? -0.052  -2.099  -0.680 1.00 0.00 ? 3  DG A N1     1 
ATOM 80  C C2     . DG A 1 3 ? 0.416   -3.289  -0.178 1.00 0.00 ? 3  DG A C2     1 
ATOM 81  N N2     . DG A 1 3 ? 1.721   -3.529  -0.221 1.00 0.00 ? 3  DG A N2     1 
ATOM 82  N N3     . DG A 1 3 ? -0.348  -4.156  0.492  1.00 0.00 ? 3  DG A N3     1 
ATOM 83  C C4     . DG A 1 3 ? -1.641  -3.757  0.618  1.00 0.00 ? 3  DG A C4     1 
ATOM 84  H "H5'"  . DG A 1 3 ? -5.372  -7.955  0.724  1.00 0.00 ? 3  DG A "H5'"  1 
ATOM 85  H "H5''" . DG A 1 3 ? -5.565  -8.648  2.348  1.00 0.00 ? 3  DG A "H5''" 1 
ATOM 86  H "H4'"  . DG A 1 3 ? -3.178  -8.625  1.785  1.00 0.00 ? 3  DG A "H4'"  1 
ATOM 87  H "H3'"  . DG A 1 3 ? -4.101  -7.540  4.118  1.00 0.00 ? 3  DG A "H3'"  1 
ATOM 88  H "H2'"  . DG A 1 3 ? -3.844  -5.299  3.441  1.00 0.00 ? 3  DG A "H2'"  1 
ATOM 89  H "H2''" . DG A 1 3 ? -2.389  -5.644  4.212  1.00 0.00 ? 3  DG A "H2''" 1 
ATOM 90  H "H1'"  . DG A 1 3 ? -1.393  -6.064  2.114  1.00 0.00 ? 3  DG A "H1'"  1 
ATOM 91  H H8     . DG A 1 3 ? -4.778  -3.756  1.538  1.00 0.00 ? 3  DG A H8     1 
ATOM 92  H H1     . DG A 1 3 ? 0.577   -1.469  -1.177 1.00 0.00 ? 3  DG A H1     1 
ATOM 93  H H21    . DG A 1 3 ? 2.362   -2.877  -0.658 1.00 0.00 ? 3  DG A H21    1 
ATOM 94  H H22    . DG A 1 3 ? 2.061   -4.390  0.178  1.00 0.00 ? 3  DG A H22    1 
ATOM 95  P P      . DC A 1 4 ? -1.497  -8.066  5.266  1.00 0.00 ? 4  DC A P      1 
ATOM 96  O OP1    . DC A 1 4 ? -1.034  -9.405  5.693  1.00 0.00 ? 4  DC A OP1    1 
ATOM 97  O OP2    . DC A 1 4 ? -2.440  -7.459  6.230  1.00 0.00 ? 4  DC A OP2    1 
ATOM 98  O "O5'"  . DC A 1 4 ? -0.230  -7.112  5.082  1.00 0.00 ? 4  DC A "O5'"  1 
ATOM 99  C "C5'"  . DC A 1 4 ? 0.840   -7.537  4.266  1.00 0.00 ? 4  DC A "C5'"  1 
ATOM 100 C "C4'"  . DC A 1 4 ? 1.880   -6.439  4.051  1.00 0.00 ? 4  DC A "C4'"  1 
ATOM 101 O "O4'"  . DC A 1 4 ? 1.623   -5.470  3.054  1.00 0.00 ? 4  DC A "O4'"  1 
ATOM 102 C "C3'"  . DC A 1 4 ? 2.451   -5.805  5.314  1.00 0.00 ? 4  DC A "C3'"  1 
ATOM 103 O "O3'"  . DC A 1 4 ? 3.854   -5.987  5.426  1.00 0.00 ? 4  DC A "O3'"  1 
ATOM 104 C "C2'"  . DC A 1 4 ? 2.008   -4.391  5.084  1.00 0.00 ? 4  DC A "C2'"  1 
ATOM 105 C "C1'"  . DC A 1 4 ? 2.024   -4.222  3.574  1.00 0.00 ? 4  DC A "C1'"  1 
ATOM 106 N N1     . DC A 1 4 ? 1.064   -3.170  3.198  1.00 0.00 ? 4  DC A N1     1 
ATOM 107 C C2     . DC A 1 4 ? 1.506   -1.976  2.639  1.00 0.00 ? 4  DC A C2     1 
ATOM 108 O O2     . DC A 1 4 ? 2.689   -1.787  2.363  1.00 0.00 ? 4  DC A O2     1 
ATOM 109 N N3     . DC A 1 4 ? 0.603   -0.988  2.390  1.00 0.00 ? 4  DC A N3     1 
ATOM 110 C C4     . DC A 1 4 ? -0.681  -1.161  2.719  1.00 0.00 ? 4  DC A C4     1 
ATOM 111 N N4     . DC A 1 4 ? -1.556  -0.225  2.379  1.00 0.00 ? 4  DC A N4     1 
ATOM 112 C C5     . DC A 1 4 ? -1.147  -2.374  3.313  1.00 0.00 ? 4  DC A C5     1 
ATOM 113 C C6     . DC A 1 4 ? -0.248  -3.360  3.508  1.00 0.00 ? 4  DC A C6     1 
ATOM 114 H "H5'"  . DC A 1 4 ? 0.470   -7.851  3.288  1.00 0.00 ? 4  DC A "H5'"  1 
ATOM 115 H "H5''" . DC A 1 4 ? 1.328   -8.387  4.744  1.00 0.00 ? 4  DC A "H5''" 1 
ATOM 116 H "H4'"  . DC A 1 4 ? 2.729   -6.904  3.603  1.00 0.00 ? 4  DC A "H4'"  1 
ATOM 117 H "H3'"  . DC A 1 4 ? 1.904   -6.152  6.187  1.00 0.00 ? 4  DC A "H3'"  1 
ATOM 118 H "H2'"  . DC A 1 4 ? 0.991   -4.380  5.481  1.00 0.00 ? 4  DC A "H2'"  1 
ATOM 119 H "H2''" . DC A 1 4 ? 2.672   -3.680  5.547  1.00 0.00 ? 4  DC A "H2''" 1 
ATOM 120 H "H1'"  . DC A 1 4 ? 3.047   -4.028  3.256  1.00 0.00 ? 4  DC A "H1'"  1 
ATOM 121 H H41    . DC A 1 4 ? -1.231  0.600   1.889  1.00 0.00 ? 4  DC A H41    1 
ATOM 122 H H42    . DC A 1 4 ? -2.544  -0.374  2.496  1.00 0.00 ? 4  DC A H42    1 
ATOM 123 H H5     . DC A 1 4 ? -2.164  -2.562  3.570  1.00 0.00 ? 4  DC A H5     1 
ATOM 124 H H6     . DC A 1 4 ? -0.544  -4.328  3.913  1.00 0.00 ? 4  DC A H6     1 
ATOM 125 P P      . DC A 1 5 ? 4.659   -5.581  6.754  1.00 0.00 ? 5  DC A P      1 
ATOM 126 O OP1    . DC A 1 5 ? 5.914   -6.362  6.821  1.00 0.00 ? 5  DC A OP1    1 
ATOM 127 O OP2    . DC A 1 5 ? 3.801   -5.792  7.939  1.00 0.00 ? 5  DC A OP2    1 
ATOM 128 O "O5'"  . DC A 1 5 ? 5.026   -4.030  6.634  1.00 0.00 ? 5  DC A "O5'"  1 
ATOM 129 C "C5'"  . DC A 1 5 ? 6.026   -3.606  5.728  1.00 0.00 ? 5  DC A "C5'"  1 
ATOM 130 C "C4'"  . DC A 1 5 ? 5.830   -2.131  5.393  1.00 0.00 ? 5  DC A "C4'"  1 
ATOM 131 O "O4'"  . DC A 1 5 ? 4.718   -1.777  4.608  1.00 0.00 ? 5  DC A "O4'"  1 
ATOM 132 C "C3'"  . DC A 1 5 ? 6.365   -1.015  6.257  1.00 0.00 ? 5  DC A "C3'"  1 
ATOM 133 O "O3'"  . DC A 1 5 ? 7.549   -0.354  5.828  1.00 0.00 ? 5  DC A "O3'"  1 
ATOM 134 C "C2'"  . DC A 1 5 ? 5.167   -0.121  6.217  1.00 0.00 ? 5  DC A "C2'"  1 
ATOM 135 C "C1'"  . DC A 1 5 ? 4.529   -0.408  4.857  1.00 0.00 ? 5  DC A "C1'"  1 
ATOM 136 N N1     . DC A 1 5 ? 3.119   -0.027  4.928  1.00 0.00 ? 5  DC A N1     1 
ATOM 137 C C2     . DC A 1 5 ? 2.619   1.085   4.273  1.00 0.00 ? 5  DC A C2     1 
ATOM 138 O O2     . DC A 1 5 ? 3.346   1.804   3.595  1.00 0.00 ? 5  DC A O2     1 
ATOM 139 N N3     . DC A 1 5 ? 1.298   1.385   4.421  1.00 0.00 ? 5  DC A N3     1 
ATOM 140 C C4     . DC A 1 5 ? 0.542   0.663   5.258  1.00 0.00 ? 5  DC A C4     1 
ATOM 141 N N4     . DC A 1 5 ? -0.760  0.929   5.298  1.00 0.00 ? 5  DC A N4     1 
ATOM 142 C C5     . DC A 1 5 ? 1.101   -0.367  6.090  1.00 0.00 ? 5  DC A C5     1 
ATOM 143 C C6     . DC A 1 5 ? 2.407   -0.654  5.878  1.00 0.00 ? 5  DC A C6     1 
ATOM 144 H "H5'"  . DC A 1 5 ? 5.943   -4.168  4.796  1.00 0.00 ? 5  DC A "H5'"  1 
ATOM 145 H "H5''" . DC A 1 5 ? 7.015   -3.771  6.156  1.00 0.00 ? 5  DC A "H5''" 1 
ATOM 146 H "H4'"  . DC A 1 5 ? 6.478   -1.814  4.610  1.00 0.00 ? 5  DC A "H4'"  1 
ATOM 147 H "H3'"  . DC A 1 5 ? 6.426   -1.465  7.253  1.00 0.00 ? 5  DC A "H3'"  1 
ATOM 148 H "H2'"  . DC A 1 5 ? 4.640   -0.248  7.167  1.00 0.00 ? 5  DC A "H2'"  1 
ATOM 149 H "H2''" . DC A 1 5 ? 5.412   0.891   6.041  1.00 0.00 ? 5  DC A "H2''" 1 
ATOM 150 H "H1'"  . DC A 1 5 ? 5.074   0.076   4.053  1.00 0.00 ? 5  DC A "H1'"  1 
ATOM 151 H H41    . DC A 1 5 ? -1.121  1.663   4.694  1.00 0.00 ? 5  DC A H41    1 
ATOM 152 H H42    . DC A 1 5 ? -1.365  0.443   5.937  1.00 0.00 ? 5  DC A H42    1 
ATOM 153 H H5     . DC A 1 5 ? 0.554   -0.886  6.863  1.00 0.00 ? 5  DC A H5     1 
ATOM 154 H H6     . DC A 1 5 ? 3.072   -1.300  6.441  1.00 0.00 ? 5  DC A H6     1 
ATOM 155 P P      . DG A 1 6 ? 8.459   0.484   6.842  1.00 0.00 ? 6  DG A P      1 
ATOM 156 O OP1    . DG A 1 6 ? 9.859   0.565   6.373  1.00 0.00 ? 6  DG A OP1    1 
ATOM 157 O OP2    . DG A 1 6 ? 8.321   -0.014  8.227  1.00 0.00 ? 6  DG A OP2    1 
ATOM 158 O "O5'"  . DG A 1 6 ? 7.695   1.881   6.650  1.00 0.00 ? 6  DG A "O5'"  1 
ATOM 159 C "C5'"  . DG A 1 6 ? 7.919   2.674   5.496  1.00 0.00 ? 6  DG A "C5'"  1 
ATOM 160 C "C4'"  . DG A 1 6 ? 7.669   4.166   5.736  1.00 0.00 ? 6  DG A "C4'"  1 
ATOM 161 O "O4'"  . DG A 1 6 ? 6.280   4.349   5.550  1.00 0.00 ? 6  DG A "O4'"  1 
ATOM 162 C "C3'"  . DG A 1 6 ? 8.090   4.775   7.063  1.00 0.00 ? 6  DG A "C3'"  1 
ATOM 163 O "O3'"  . DG A 1 6 ? 8.468   6.129   6.908  1.00 0.00 ? 6  DG A "O3'"  1 
ATOM 164 C "C2'"  . DG A 1 6 ? 6.771   4.695   7.792  1.00 0.00 ? 6  DG A "C2'"  1 
ATOM 165 C "C1'"  . DG A 1 6 ? 5.735   4.933   6.702  1.00 0.00 ? 6  DG A "C1'"  1 
ATOM 166 N N9     . DG A 1 6 ? 4.380   4.329   6.927  1.00 0.00 ? 6  DG A N9     1 
ATOM 167 C C8     . DG A 1 6 ? 3.997   3.078   7.401  1.00 0.00 ? 6  DG A C8     1 
ATOM 168 N N7     . DG A 1 6 ? 2.723   2.833   7.296  1.00 0.00 ? 6  DG A N7     1 
ATOM 169 C C5     . DG A 1 6 ? 2.209   3.980   6.712  1.00 0.00 ? 6  DG A C5     1 
ATOM 170 C C6     . DG A 1 6 ? 0.867   4.295   6.352  1.00 0.00 ? 6  DG A C6     1 
ATOM 171 O O6     . DG A 1 6 ? -0.136  3.607   6.514  1.00 0.00 ? 6  DG A O6     1 
ATOM 172 N N1     . DG A 1 6 ? 0.745   5.545   5.769  1.00 0.00 ? 6  DG A N1     1 
ATOM 173 C C2     . DG A 1 6 ? 1.801   6.394   5.541  1.00 0.00 ? 6  DG A C2     1 
ATOM 174 N N2     . DG A 1 6 ? 1.551   7.549   4.934  1.00 0.00 ? 6  DG A N2     1 
ATOM 175 N N3     . DG A 1 6 ? 3.063   6.117   5.892  1.00 0.00 ? 6  DG A N3     1 
ATOM 176 C C4     . DG A 1 6 ? 3.205   4.894   6.474  1.00 0.00 ? 6  DG A C4     1 
ATOM 177 H "H5'"  . DG A 1 6 ? 7.319   2.307   4.662  1.00 0.00 ? 6  DG A "H5'"  1 
ATOM 178 H "H5''" . DG A 1 6 ? 8.969   2.601   5.211  1.00 0.00 ? 6  DG A "H5''" 1 
ATOM 179 H "H4'"  . DG A 1 6 ? 8.148   4.767   5.001  1.00 0.00 ? 6  DG A "H4'"  1 
ATOM 180 H "H3'"  . DG A 1 6 ? 8.897   4.227   7.546  1.00 0.00 ? 6  DG A "H3'"  1 
ATOM 181 H "H2'"  . DG A 1 6 ? 6.740   3.688   8.166  1.00 0.00 ? 6  DG A "H2'"  1 
ATOM 182 H "H2''" . DG A 1 6 ? 6.700   5.458   8.551  1.00 0.00 ? 6  DG A "H2''" 1 
ATOM 183 H "H1'"  . DG A 1 6 ? 5.734   6.024   6.542  1.00 0.00 ? 6  DG A "H1'"  1 
ATOM 184 H H8     . DG A 1 6 ? 4.599   2.285   7.834  1.00 0.00 ? 6  DG A H8     1 
ATOM 185 H H1     . DG A 1 6 ? -0.203  5.811   5.501  1.00 0.00 ? 6  DG A H1     1 
ATOM 186 H H21    . DG A 1 6 ? 0.614   7.775   4.616  1.00 0.00 ? 6  DG A H21    1 
ATOM 187 H H22    . DG A 1 6 ? 2.323   8.160   4.721  1.00 0.00 ? 6  DG A H22    1 
ATOM 188 O "O5'"  . DC B 1 1 ? -7.231  8.639   3.219  1.00 0.00 ? 7  DC B "O5'"  1 
ATOM 189 C "C5'"  . DC B 1 1 ? -7.085  9.992   3.595  1.00 0.00 ? 7  DC B "C5'"  1 
ATOM 190 C "C4'"  . DC B 1 1 ? -5.618  10.437  3.518  1.00 0.00 ? 7  DC B "C4'"  1 
ATOM 191 O "O4'"  . DC B 1 1 ? -4.846  9.790   4.515  1.00 0.00 ? 7  DC B "O4'"  1 
ATOM 192 C "C3'"  . DC B 1 1 ? -4.969  10.194  2.169  1.00 0.00 ? 7  DC B "C3'"  1 
ATOM 193 O "O3'"  . DC B 1 1 ? -4.170  11.298  1.786  1.00 0.00 ? 7  DC B "O3'"  1 
ATOM 194 C "C2'"  . DC B 1 1 ? -4.066  8.971   2.421  1.00 0.00 ? 7  DC B "C2'"  1 
ATOM 195 C "C1'"  . DC B 1 1 ? -3.710  9.166   3.931  1.00 0.00 ? 7  DC B "C1'"  1 
ATOM 196 N N1     . DC B 1 1 ? -3.454  7.838   4.517  1.00 0.00 ? 7  DC B N1     1 
ATOM 197 C C2     . DC B 1 1 ? -2.165  7.336   4.649  1.00 0.00 ? 7  DC B C2     1 
ATOM 198 O O2     . DC B 1 1 ? -1.185  7.986   4.292  1.00 0.00 ? 7  DC B O2     1 
ATOM 199 N N3     . DC B 1 1 ? -1.994  6.098   5.199  1.00 0.00 ? 7  DC B N3     1 
ATOM 200 C C4     . DC B 1 1 ? -3.064  5.365   5.538  1.00 0.00 ? 7  DC B C4     1 
ATOM 201 N N4     . DC B 1 1 ? -2.867  4.175   6.089  1.00 0.00 ? 7  DC B N4     1 
ATOM 202 C C5     . DC B 1 1 ? -4.401  5.855   5.385  1.00 0.00 ? 7  DC B C5     1 
ATOM 203 C C6     . DC B 1 1 ? -4.525  7.097   4.870  1.00 0.00 ? 7  DC B C6     1 
ATOM 204 H "H5'"  . DC B 1 1 ? -7.450  10.124  4.614  1.00 0.00 ? 7  DC B "H5'"  1 
ATOM 205 H "H5''" . DC B 1 1 ? -7.686  10.607  2.925  1.00 0.00 ? 7  DC B "H5''" 1 
ATOM 206 H "H4'"  . DC B 1 1 ? -5.583  11.514  3.636  1.00 0.00 ? 7  DC B "H4'"  1 
ATOM 207 H "H3'"  . DC B 1 1 ? -5.830  10.088  1.498  1.00 0.00 ? 7  DC B "H3'"  1 
ATOM 208 H "H2'"  . DC B 1 1 ? -4.528  7.978   2.168  1.00 0.00 ? 7  DC B "H2'"  1 
ATOM 209 H "H2''" . DC B 1 1 ? -3.171  9.069   1.795  1.00 0.00 ? 7  DC B "H2''" 1 
ATOM 210 H "H1'"  . DC B 1 1 ? -2.927  9.822   4.319  1.00 0.00 ? 7  DC B "H1'"  1 
ATOM 211 H H41    . DC B 1 1 ? -1.913  3.855   6.200  1.00 0.00 ? 7  DC B H41    1 
ATOM 212 H H42    . DC B 1 1 ? -3.641  3.581   6.330  1.00 0.00 ? 7  DC B H42    1 
ATOM 213 H H5     . DC B 1 1 ? -5.285  5.294   5.650  1.00 0.00 ? 7  DC B H5     1 
ATOM 214 H H6     . DC B 1 1 ? -5.446  7.612   4.690  1.00 0.00 ? 7  DC B H6     1 
ATOM 215 H "HO5'" . DC B 1 1 ? -8.159  8.403   3.282  1.00 0.00 ? 7  DC B "HO5'" 1 
ATOM 216 P P      . DG B 1 2 ? -3.860  11.612  0.244  1.00 0.00 ? 8  DG B P      1 
ATOM 217 O OP1    . DG B 1 2 ? -3.676  13.070  0.076  1.00 0.00 ? 8  DG B OP1    1 
ATOM 218 O OP2    . DG B 1 2 ? -4.957  11.090  -0.601 1.00 0.00 ? 8  DG B OP2    1 
ATOM 219 O "O5'"  . DG B 1 2 ? -2.494  10.878  -0.156 1.00 0.00 ? 8  DG B "O5'"  1 
ATOM 220 C "C5'"  . DG B 1 2 ? -1.258  11.389  0.304  1.00 0.00 ? 8  DG B "C5'"  1 
ATOM 221 C "C4'"  . DG B 1 2 ? -0.113  10.370  0.258  1.00 0.00 ? 8  DG B "C4'"  1 
ATOM 222 O "O4'"  . DG B 1 2 ? -0.229  9.308   1.202  1.00 0.00 ? 8  DG B "O4'"  1 
ATOM 223 C "C3'"  . DG B 1 2 ? 0.092   9.729   -1.118 1.00 0.00 ? 8  DG B "C3'"  1 
ATOM 224 O "O3'"  . DG B 1 2 ? 1.487   9.575   -1.316 1.00 0.00 ? 8  DG B "O3'"  1 
ATOM 225 C "C2'"  . DG B 1 2 ? -0.550  8.360   -0.952 1.00 0.00 ? 8  DG B "C2'"  1 
ATOM 226 C "C1'"  . DG B 1 2 ? -0.204  8.069   0.503  1.00 0.00 ? 8  DG B "C1'"  1 
ATOM 227 N N9     . DG B 1 2 ? -0.908  6.933   1.144  1.00 0.00 ? 8  DG B N9     1 
ATOM 228 C C8     . DG B 1 2 ? -2.231  6.577   1.105  1.00 0.00 ? 8  DG B C8     1 
ATOM 229 N N7     . DG B 1 2 ? -2.518  5.498   1.782  1.00 0.00 ? 8  DG B N7     1 
ATOM 230 C C5     . DG B 1 2 ? -1.280  5.060   2.251  1.00 0.00 ? 8  DG B C5     1 
ATOM 231 C C6     . DG B 1 2 ? -0.914  3.894   2.997  1.00 0.00 ? 8  DG B C6     1 
ATOM 232 O O6     . DG B 1 2 ? -1.640  3.031   3.491  1.00 0.00 ? 8  DG B O6     1 
ATOM 233 N N1     . DG B 1 2 ? 0.459   3.766   3.142  1.00 0.00 ? 8  DG B N1     1 
ATOM 234 C C2     . DG B 1 2 ? 1.374   4.689   2.703  1.00 0.00 ? 8  DG B C2     1 
ATOM 235 N N2     . DG B 1 2 ? 2.665   4.443   2.891  1.00 0.00 ? 8  DG B N2     1 
ATOM 236 N N3     . DG B 1 2 ? 1.044   5.810   2.066  1.00 0.00 ? 8  DG B N3     1 
ATOM 237 C C4     . DG B 1 2 ? -0.293  5.926   1.848  1.00 0.00 ? 8  DG B C4     1 
ATOM 238 H "H5'"  . DG B 1 2 ? -1.358  11.714  1.342  1.00 0.00 ? 8  DG B "H5'"  1 
ATOM 239 H "H5''" . DG B 1 2 ? -0.992  12.254  -0.303 1.00 0.00 ? 8  DG B "H5''" 1 
ATOM 240 H "H4'"  . DG B 1 2 ? 0.788   10.933  0.516  1.00 0.00 ? 8  DG B "H4'"  1 
ATOM 241 H "H3'"  . DG B 1 2 ? -0.364  10.322  -1.912 1.00 0.00 ? 8  DG B "H3'"  1 
ATOM 242 H "H2'"  . DG B 1 2 ? -1.629  8.460   -1.065 1.00 0.00 ? 8  DG B "H2'"  1 
ATOM 243 H "H2''" . DG B 1 2 ? -0.166  7.620   -1.649 1.00 0.00 ? 8  DG B "H2''" 1 
ATOM 244 H "H1'"  . DG B 1 2 ? 0.852   7.795   0.474  1.00 0.00 ? 8  DG B "H1'"  1 
ATOM 245 H H8     . DG B 1 2 ? -2.976  7.143   0.569  1.00 0.00 ? 8  DG B H8     1 
ATOM 246 H H1     . DG B 1 2 ? 0.775   2.915   3.606  1.00 0.00 ? 8  DG B H1     1 
ATOM 247 H H21    . DG B 1 2 ? 2.975   3.545   3.239  1.00 0.00 ? 8  DG B H21    1 
ATOM 248 H H22    . DG B 1 2 ? 3.336   5.121   2.565  1.00 0.00 ? 8  DG B H22    1 
ATOM 249 P P      . DG B 1 3 ? 2.145   9.377   -2.761 1.00 0.00 ? 9  DG B P      1 
ATOM 250 O OP1    . DG B 1 3 ? 2.920   10.577  -3.141 1.00 0.00 ? 9  DG B OP1    1 
ATOM 251 O OP2    . DG B 1 3 ? 1.102   9.032   -3.752 1.00 0.00 ? 9  DG B OP2    1 
ATOM 252 O "O5'"  . DG B 1 3 ? 3.130   8.129   -2.589 1.00 0.00 ? 9  DG B "O5'"  1 
ATOM 253 C "C5'"  . DG B 1 3 ? 4.358   8.261   -1.898 1.00 0.00 ? 9  DG B "C5'"  1 
ATOM 254 C "C4'"  . DG B 1 3 ? 5.070   6.905   -1.819 1.00 0.00 ? 9  DG B "C4'"  1 
ATOM 255 O "O4'"  . DG B 1 3 ? 4.293   6.031   -1.023 1.00 0.00 ? 9  DG B "O4'"  1 
ATOM 256 C "C3'"  . DG B 1 3 ? 5.285   6.251   -3.172 1.00 0.00 ? 9  DG B "C3'"  1 
ATOM 257 O "O3'"  . DG B 1 3 ? 6.584   5.689   -3.219 1.00 0.00 ? 9  DG B "O3'"  1 
ATOM 258 C "C2'"  . DG B 1 3 ? 4.173   5.233   -3.203 1.00 0.00 ? 9  DG B "C2'"  1 
ATOM 259 C "C1'"  . DG B 1 3 ? 4.040   4.845   -1.747 1.00 0.00 ? 9  DG B "C1'"  1 
ATOM 260 N N9     . DG B 1 3 ? 2.682   4.378   -1.320 1.00 0.00 ? 9  DG B N9     1 
ATOM 261 C C8     . DG B 1 3 ? 1.411   4.930   -1.490 1.00 0.00 ? 9  DG B C8     1 
ATOM 262 N N7     . DG B 1 3 ? 0.462   4.242   -0.917 1.00 0.00 ? 9  DG B N7     1 
ATOM 263 C C5     . DG B 1 3 ? 1.126   3.194   -0.293 1.00 0.00 ? 9  DG B C5     1 
ATOM 264 C C6     . DG B 1 3 ? 0.616   2.099   0.467  1.00 0.00 ? 9  DG B C6     1 
ATOM 265 O O6     . DG B 1 3 ? -0.554  1.867   0.757  1.00 0.00 ? 9  DG B O6     1 
ATOM 266 N N1     . DG B 1 3 ? 1.605   1.229   0.895  1.00 0.00 ? 9  DG B N1     1 
ATOM 267 C C2     . DG B 1 3 ? 2.944   1.402   0.640  1.00 0.00 ? 9  DG B C2     1 
ATOM 268 N N2     . DG B 1 3 ? 3.787   0.432   0.976  1.00 0.00 ? 9  DG B N2     1 
ATOM 269 N N3     . DG B 1 3 ? 3.432   2.425   -0.068 1.00 0.00 ? 9  DG B N3     1 
ATOM 270 C C4     . DG B 1 3 ? 2.477   3.289   -0.502 1.00 0.00 ? 9  DG B C4     1 
ATOM 271 H "H5'"  . DG B 1 3 ? 4.180   8.629   -0.886 1.00 0.00 ? 9  DG B "H5'"  1 
ATOM 272 H "H5''" . DG B 1 3 ? 5.000   8.968   -2.425 1.00 0.00 ? 9  DG B "H5''" 1 
ATOM 273 H "H4'"  . DG B 1 3 ? 6.054   7.009   -1.392 1.00 0.00 ? 9  DG B "H4'"  1 
ATOM 274 H "H3'"  . DG B 1 3 ? 5.157   6.949   -3.973 1.00 0.00 ? 9  DG B "H3'"  1 
ATOM 275 H "H2'"  . DG B 1 3 ? 3.258   5.633   -3.519 1.00 0.00 ? 9  DG B "H2'"  1 
ATOM 276 H "H2''" . DG B 1 3 ? 4.431   4.497   -3.932 1.00 0.00 ? 9  DG B "H2''" 1 
ATOM 277 H "H1'"  . DG B 1 3 ? 4.851   4.120   -1.641 1.00 0.00 ? 9  DG B "H1'"  1 
ATOM 278 H H8     . DG B 1 3 ? 1.103   5.825   -2.040 1.00 0.00 ? 9  DG B H8     1 
ATOM 279 H H1     . DG B 1 3 ? 1.286   0.425   1.435  1.00 0.00 ? 9  DG B H1     1 
ATOM 280 H H21    . DG B 1 3 ? 3.467   -0.400  1.457  1.00 0.00 ? 9  DG B H21    1 
ATOM 281 H H22    . DG B 1 3 ? 4.763   0.554   0.758  1.00 0.00 ? 9  DG B H22    1 
ATOM 282 P P      . DC B 1 4 ? 7.131   4.898   -4.496 1.00 0.00 ? 10 DC B P      1 
ATOM 283 O OP1    . DC B 1 4 ? 8.577   5.162   -4.662 1.00 0.00 ? 10 DC B OP1    1 
ATOM 284 O OP2    . DC B 1 4 ? 6.347   5.261   -5.696 1.00 0.00 ? 10 DC B OP2    1 
ATOM 285 O "O5'"  . DC B 1 4 ? 6.920   3.350   -4.167 1.00 0.00 ? 10 DC B "O5'"  1 
ATOM 286 C "C5'"  . DC B 1 4 ? 7.645   2.764   -3.107 1.00 0.00 ? 10 DC B "C5'"  1 
ATOM 287 C "C4'"  . DC B 1 4 ? 7.194   1.335   -2.812 1.00 0.00 ? 10 DC B "C4'"  1 
ATOM 288 O "O4'"  . DC B 1 4 ? 6.045   1.156   -2.006 1.00 0.00 ? 10 DC B "O4'"  1 
ATOM 289 C "C3'"  . DC B 1 4 ? 7.201   0.375   -3.995 1.00 0.00 ? 10 DC B "C3'"  1 
ATOM 290 O "O3'"  . DC B 1 4 ? 8.075   -0.725  -3.798 1.00 0.00 ? 10 DC B "O3'"  1 
ATOM 291 C "C2'"  . DC B 1 4 ? 5.741   0.032   -4.025 1.00 0.00 ? 10 DC B "C2'"  1 
ATOM 292 C "C1'"  . DC B 1 4 ? 5.298   0.103   -2.574 1.00 0.00 ? 10 DC B "C1'"  1 
ATOM 293 N N1     . DC B 1 4 ? 3.858   0.403   -2.524 1.00 0.00 ? 10 DC B N1     1 
ATOM 294 C C2     . DC B 1 4 ? 2.957   -0.532  -2.026 1.00 0.00 ? 10 DC B C2     1 
ATOM 295 O O2     . DC B 1 4 ? 3.330   -1.596  -1.538 1.00 0.00 ? 10 DC B O2     1 
ATOM 296 N N3     . DC B 1 4 ? 1.623   -0.262  -2.082 1.00 0.00 ? 10 DC B N3     1 
ATOM 297 C C4     . DC B 1 4 ? 1.197   0.874   -2.645 1.00 0.00 ? 10 DC B C4     1 
ATOM 298 N N4     . DC B 1 4 ? -0.098  1.158   -2.601 1.00 0.00 ? 10 DC B N4     1 
ATOM 299 C C5     . DC B 1 4 ? 2.110   1.835   -3.179 1.00 0.00 ? 10 DC B C5     1 
ATOM 300 C C6     . DC B 1 4 ? 3.427   1.573   -3.072 1.00 0.00 ? 10 DC B C6     1 
ATOM 301 H "H5'"  . DC B 1 4 ? 7.527   3.353   -2.196 1.00 0.00 ? 10 DC B "H5'"  1 
ATOM 302 H "H5''" . DC B 1 4 ? 8.702   2.744   -3.375 1.00 0.00 ? 10 DC B "H5''" 1 
ATOM 303 H "H4'"  . DC B 1 4 ? 7.917   0.916   -2.149 1.00 0.00 ? 10 DC B "H4'"  1 
ATOM 304 H "H3'"  . DC B 1 4 ? 7.399   0.918   -4.918 1.00 0.00 ? 10 DC B "H3'"  1 
ATOM 305 H "H2'"  . DC B 1 4 ? 5.307   0.836   -4.620 1.00 0.00 ? 10 DC B "H2'"  1 
ATOM 306 H "H2''" . DC B 1 4 ? 5.567   -0.956  -4.421 1.00 0.00 ? 10 DC B "H2''" 1 
ATOM 307 H "H1'"  . DC B 1 4 ? 5.580   -0.825  -2.077 1.00 0.00 ? 10 DC B "H1'"  1 
ATOM 308 H H41    . DC B 1 4 ? -0.731  0.507   -2.154 1.00 0.00 ? 10 DC B H41    1 
ATOM 309 H H42    . DC B 1 4 ? -0.438  2.057   -2.900 1.00 0.00 ? 10 DC B H42    1 
ATOM 310 H H5     . DC B 1 4 ? 1.814   2.761   -3.617 1.00 0.00 ? 10 DC B H5     1 
ATOM 311 H H6     . DC B 1 4 ? 4.179   2.283   -3.415 1.00 0.00 ? 10 DC B H6     1 
ATOM 312 P P      . DC B 1 5 ? 8.404   -1.770  -4.971 1.00 0.00 ? 11 DC B P      1 
ATOM 313 O OP1    . DC B 1 5 ? 9.700   -2.425  -4.689 1.00 0.00 ? 11 DC B OP1    1 
ATOM 314 O OP2    . DC B 1 5 ? 8.398   -1.072  -6.274 1.00 0.00 ? 11 DC B OP2    1 
ATOM 315 O "O5'"  . DC B 1 5 ? 7.254   -2.881  -4.956 1.00 0.00 ? 11 DC B "O5'"  1 
ATOM 316 C "C5'"  . DC B 1 5 ? 7.209   -3.841  -3.921 1.00 0.00 ? 11 DC B "C5'"  1 
ATOM 317 C "C4'"  . DC B 1 5 ? 5.800   -4.412  -3.804 1.00 0.00 ? 11 DC B "C4'"  1 
ATOM 318 O "O4'"  . DC B 1 5 ? 4.789   -3.569  -3.309 1.00 0.00 ? 11 DC B "O4'"  1 
ATOM 319 C "C3'"  . DC B 1 5 ? 5.301   -5.550  -4.662 1.00 0.00 ? 11 DC B "C3'"  1 
ATOM 320 O "O3'"  . DC B 1 5 ? 5.244   -6.845  -4.078 1.00 0.00 ? 11 DC B "O3'"  1 
ATOM 321 C "C2'"  . DC B 1 5 ? 3.943   -5.004  -4.971 1.00 0.00 ? 11 DC B "C2'"  1 
ATOM 322 C "C1'"  . DC B 1 5 ? 3.590   -4.158  -3.747 1.00 0.00 ? 11 DC B "C1'"  1 
ATOM 323 N N1     . DC B 1 5 ? 2.583   -3.176  -4.147 1.00 0.00 ? 11 DC B N1     1 
ATOM 324 C C2     . DC B 1 5 ? 1.263   -3.264  -3.740 1.00 0.00 ? 11 DC B C2     1 
ATOM 325 O O2     . DC B 1 5 ? 0.879   -4.176  -3.015 1.00 0.00 ? 11 DC B O2     1 
ATOM 326 N N3     . DC B 1 5 ? 0.383   -2.325  -4.189 1.00 0.00 ? 11 DC B N3     1 
ATOM 327 C C4     . DC B 1 5 ? 0.785   -1.405  -5.075 1.00 0.00 ? 11 DC B C4     1 
ATOM 328 N N4     . DC B 1 5 ? -0.078  -0.453  -5.410 1.00 0.00 ? 11 DC B N4     1 
ATOM 329 C C5     . DC B 1 5 ? 2.103   -1.432  -5.652 1.00 0.00 ? 11 DC B C5     1 
ATOM 330 C C6     . DC B 1 5 ? 2.951   -2.358  -5.145 1.00 0.00 ? 11 DC B C6     1 
ATOM 331 H "H5'"  . DC B 1 5 ? 7.452   -3.369  -2.967 1.00 0.00 ? 11 DC B "H5'"  1 
ATOM 332 H "H5''" . DC B 1 5 ? 7.927   -4.638  -4.116 1.00 0.00 ? 11 DC B "H5''" 1 
ATOM 333 H "H4'"  . DC B 1 5 ? 5.695   -5.034  -2.946 1.00 0.00 ? 11 DC B "H4'"  1 
ATOM 334 H "H3'"  . DC B 1 5 ? 5.912   -5.480  -5.566 1.00 0.00 ? 11 DC B "H3'"  1 
ATOM 335 H "H2'"  . DC B 1 5 ? 3.981   -4.602  -5.988 1.00 0.00 ? 11 DC B "H2'"  1 
ATOM 336 H "H2''" . DC B 1 5 ? 3.175   -5.722  -4.865 1.00 0.00 ? 11 DC B "H2''" 1 
ATOM 337 H "H1'"  . DC B 1 5 ? 3.290   -4.778  -2.908 1.00 0.00 ? 11 DC B "H1'"  1 
ATOM 338 H H41    . DC B 1 5 ? -1.000  -0.464  -4.982 1.00 0.00 ? 11 DC B H41    1 
ATOM 339 H H42    . DC B 1 5 ? 0.160   0.239   -6.099 1.00 0.00 ? 11 DC B H42    1 
ATOM 340 H H5     . DC B 1 5 ? 2.426   -0.789  -6.456 1.00 0.00 ? 11 DC B H5     1 
ATOM 341 H H6     . DC B 1 5 ? 3.942   -2.645  -5.483 1.00 0.00 ? 11 DC B H6     1 
ATOM 342 P P      . DG B 1 6 ? 5.196   -8.169  -4.974 1.00 0.00 ? 12 DG B P      1 
ATOM 343 O OP1    . DG B 1 6 ? 5.728   -9.338  -4.239 1.00 0.00 ? 12 DG B OP1    1 
ATOM 344 O OP2    . DG B 1 6 ? 5.831   -7.952  -6.291 1.00 0.00 ? 12 DG B OP2    1 
ATOM 345 O "O5'"  . DG B 1 6 ? 3.600   -8.237  -5.103 1.00 0.00 ? 12 DG B "O5'"  1 
ATOM 346 C "C5'"  . DG B 1 6 ? 2.805   -8.707  -4.025 1.00 0.00 ? 12 DG B "C5'"  1 
ATOM 347 C "C4'"  . DG B 1 6 ? 1.472   -9.308  -4.478 1.00 0.00 ? 12 DG B "C4'"  1 
ATOM 348 O "O4'"  . DG B 1 6 ? 0.588   -8.213  -4.603 1.00 0.00 ? 12 DG B "O4'"  1 
ATOM 349 C "C3'"  . DG B 1 6 ? 1.437   -10.138 -5.752 1.00 0.00 ? 12 DG B "C3'"  1 
ATOM 350 O "O3'"  . DG B 1 6 ? 0.441   -11.139 -5.682 1.00 0.00 ? 12 DG B "O3'"  1 
ATOM 351 C "C2'"  . DG B 1 6 ? 1.001   -9.067  -6.722 1.00 0.00 ? 12 DG B "C2'"  1 
ATOM 352 C "C1'"  . DG B 1 6 ? 0.062   -8.194  -5.902 1.00 0.00 ? 12 DG B "C1'"  1 
ATOM 353 N N9     . DG B 1 6 ? -0.057  -6.761  -6.330 1.00 0.00 ? 12 DG B N9     1 
ATOM 354 C C8     . DG B 1 6 ? 0.904   -5.836  -6.727 1.00 0.00 ? 12 DG B C8     1 
ATOM 355 N N7     . DG B 1 6 ? 0.456   -4.622  -6.858 1.00 0.00 ? 12 DG B N7     1 
ATOM 356 C C5     . DG B 1 6 ? -0.885  -4.721  -6.526 1.00 0.00 ? 12 DG B C5     1 
ATOM 357 C C6     . DG B 1 6 ? -1.891  -3.714  -6.488 1.00 0.00 ? 12 DG B C6     1 
ATOM 358 O O6     . DG B 1 6 ? -1.776  -2.525  -6.772 1.00 0.00 ? 12 DG B O6     1 
ATOM 359 N N1     . DG B 1 6 ? -3.126  -4.199  -6.091 1.00 0.00 ? 12 DG B N1     1 
ATOM 360 C C2     . DG B 1 6 ? -3.364  -5.508  -5.750 1.00 0.00 ? 12 DG B C2     1 
ATOM 361 N N2     . DG B 1 6 ? -4.586  -5.833  -5.344 1.00 0.00 ? 12 DG B N2     1 
ATOM 362 N N3     . DG B 1 6 ? -2.431  -6.468  -5.800 1.00 0.00 ? 12 DG B N3     1 
ATOM 363 C C4     . DG B 1 6 ? -1.210  -6.013  -6.196 1.00 0.00 ? 12 DG B C4     1 
ATOM 364 H "H5'"  . DG B 1 6 ? 2.648   -7.909  -3.297 1.00 0.00 ? 12 DG B "H5'"  1 
ATOM 365 H "H5''" . DG B 1 6 ? 3.332   -9.519  -3.524 1.00 0.00 ? 12 DG B "H5''" 1 
ATOM 366 H "H4'"  . DG B 1 6 ? 1.054   -9.942  -3.733 1.00 0.00 ? 12 DG B "H4'"  1 
ATOM 367 H "H3'"  . DG B 1 6 ? 2.397   -10.591 -5.994 1.00 0.00 ? 12 DG B "H3'"  1 
ATOM 368 H "H2'"  . DG B 1 6 ? 1.912   -8.556  -6.975 1.00 0.00 ? 12 DG B "H2'"  1 
ATOM 369 H "H2''" . DG B 1 6 ? 0.479   -9.496  -7.563 1.00 0.00 ? 12 DG B "H2''" 1 
ATOM 370 H "H1'"  . DG B 1 6 ? -0.891  -8.749  -5.872 1.00 0.00 ? 12 DG B "H1'"  1 
ATOM 371 H H8     . DG B 1 6 ? 1.960   -5.978  -6.933 1.00 0.00 ? 12 DG B H8     1 
ATOM 372 H H1     . DG B 1 6 ? -3.876  -3.508  -6.055 1.00 0.00 ? 12 DG B H1     1 
ATOM 373 H H21    . DG B 1 6 ? -5.308  -5.127  -5.253 1.00 0.00 ? 12 DG B H21    1 
ATOM 374 H H22    . DG B 1 6 ? -4.762  -6.780  -5.049 1.00 0.00 ? 12 DG B H22    1 
# 
